data_8XXY
#
_entry.id   8XXY
#
_cell.length_a   1.00
_cell.length_b   1.00
_cell.length_c   1.00
_cell.angle_alpha   90.00
_cell.angle_beta   90.00
_cell.angle_gamma   90.00
#
_symmetry.space_group_name_H-M   'P 1'
#
_entity_poly.entity_id   1
_entity_poly.type   'polypeptide(L)'
_entity_poly.pdbx_seq_one_letter_code
;MGKTIIALSYIFCLVFADYKDDDDAANFTPVNGSSGNQSVRLVTSSSLEVLFQGPGSVLEVSDHQVLNDAEVAALLENFS
SSYDYGENESDSCCTSPPCPQDFSLNFDRAFLPALYSLLFLLGLLGNGAVAAVLLSRRTALSSTDTFLLHLAVADTLLVL
TLPLWAVDAAVQWVFGSGLCKVAGALFNINFYAGALLLACISFDRYLNIVHATQLYRRGPPARVTLTCLAVWGLCLLFAL
PDFIFLSAHHDERLNATHCQYNFPQVGRTALRVLQLVAGFLLPLLVMAYCYAHILAVLLVSRGQRRLRAMRLVVVVVVAF
ALCWTPYHLVVLVDILMDLGALARNCGRESRVDVAKSVTSGLGYMHCCLNPLLYAFVGVKFRERMWMLLLRLGCPNQRGL
QRQPSSSRRDSSWSETSEASYSGL
;
_entity_poly.pdbx_strand_id   R
#
# COMPACT_ATOMS: atom_id res chain seq x y z
N LEU A 115 10.74 13.00 -16.24
CA LEU A 115 10.93 12.30 -14.93
C LEU A 115 9.83 11.26 -14.71
N TYR A 116 8.62 11.56 -15.19
CA TYR A 116 7.52 10.60 -15.06
C TYR A 116 7.82 9.32 -15.82
N SER A 117 8.36 9.43 -17.03
CA SER A 117 8.67 8.24 -17.81
C SER A 117 9.73 7.39 -17.14
N LEU A 118 10.70 8.00 -16.48
CA LEU A 118 11.72 7.23 -15.76
C LEU A 118 11.09 6.37 -14.68
N LEU A 119 10.17 6.95 -13.91
CA LEU A 119 9.49 6.22 -12.84
C LEU A 119 8.74 5.03 -13.41
N PHE A 120 8.16 5.19 -14.59
CA PHE A 120 7.41 4.12 -15.24
C PHE A 120 8.26 2.88 -15.40
N LEU A 121 9.44 3.02 -16.00
CA LEU A 121 10.33 1.87 -16.16
C LEU A 121 10.85 1.39 -14.81
N LEU A 122 11.19 2.33 -13.93
CA LEU A 122 11.68 1.96 -12.60
C LEU A 122 10.66 1.10 -11.87
N GLY A 123 9.40 1.50 -11.92
CA GLY A 123 8.34 0.73 -11.29
C GLY A 123 8.23 -0.67 -11.84
N LEU A 124 8.12 -0.79 -13.16
CA LEU A 124 7.99 -2.11 -13.78
C LEU A 124 9.22 -2.96 -13.52
N LEU A 125 10.41 -2.38 -13.68
CA LEU A 125 11.64 -3.14 -13.49
C LEU A 125 11.72 -3.73 -12.09
N GLY A 126 11.66 -2.87 -11.07
CA GLY A 126 11.72 -3.36 -9.70
C GLY A 126 10.56 -4.27 -9.35
N ASN A 127 9.35 -3.92 -9.78
CA ASN A 127 8.18 -4.73 -9.45
C ASN A 127 8.31 -6.12 -10.05
N GLY A 128 8.74 -6.21 -11.31
CA GLY A 128 8.89 -7.51 -11.94
C GLY A 128 9.87 -8.41 -11.22
N ALA A 129 10.99 -7.85 -10.76
CA ALA A 129 11.97 -8.64 -10.03
C ALA A 129 11.35 -9.27 -8.78
N VAL A 130 10.60 -8.47 -8.03
CA VAL A 130 9.94 -9.00 -6.83
C VAL A 130 8.97 -10.10 -7.22
N ALA A 131 8.17 -9.86 -8.26
CA ALA A 131 7.21 -10.87 -8.70
C ALA A 131 7.92 -12.12 -9.19
N ALA A 132 8.97 -11.94 -9.99
CA ALA A 132 9.69 -13.09 -10.53
C ALA A 132 10.41 -13.88 -9.44
N VAL A 133 11.07 -13.20 -8.51
CA VAL A 133 11.87 -13.90 -7.50
C VAL A 133 10.96 -14.79 -6.64
N LEU A 134 9.84 -14.23 -6.18
CA LEU A 134 8.93 -15.01 -5.34
C LEU A 134 8.20 -16.08 -6.13
N LEU A 135 7.84 -15.82 -7.38
CA LEU A 135 7.12 -16.80 -8.18
C LEU A 135 7.98 -17.97 -8.62
N SER A 136 9.30 -17.83 -8.57
CA SER A 136 10.21 -18.91 -8.95
C SER A 136 10.43 -19.92 -7.85
N ARG A 137 9.85 -19.71 -6.68
CA ARG A 137 10.02 -20.64 -5.56
C ARG A 137 9.37 -21.97 -5.90
N ARG A 138 10.07 -23.06 -5.60
CA ARG A 138 9.62 -24.41 -5.92
C ARG A 138 8.78 -25.05 -4.82
N THR A 139 8.53 -24.34 -3.73
CA THR A 139 7.78 -24.88 -2.60
C THR A 139 6.77 -23.83 -2.13
N ALA A 140 6.15 -24.09 -0.99
CA ALA A 140 5.17 -23.17 -0.45
C ALA A 140 5.84 -21.86 -0.03
N LEU A 141 5.05 -20.79 -0.03
CA LEU A 141 5.50 -19.46 0.32
C LEU A 141 4.87 -19.06 1.65
N SER A 142 5.66 -18.45 2.52
CA SER A 142 5.17 -18.03 3.83
C SER A 142 4.10 -16.96 3.67
N SER A 143 3.39 -16.66 4.76
CA SER A 143 2.30 -15.69 4.67
C SER A 143 2.81 -14.33 4.25
N THR A 144 3.93 -13.88 4.82
CA THR A 144 4.52 -12.62 4.41
C THR A 144 4.90 -12.64 2.94
N ASP A 145 5.46 -13.76 2.49
CA ASP A 145 5.84 -13.89 1.08
C ASP A 145 4.61 -13.80 0.19
N THR A 146 3.53 -14.49 0.57
CA THR A 146 2.32 -14.47 -0.25
C THR A 146 1.76 -13.06 -0.37
N PHE A 147 1.70 -12.32 0.74
CA PHE A 147 1.18 -10.96 0.70
C PHE A 147 2.08 -10.05 -0.15
N LEU A 148 3.39 -10.21 -0.03
CA LEU A 148 4.30 -9.39 -0.83
C LEU A 148 4.07 -9.64 -2.31
N LEU A 149 3.85 -10.90 -2.70
CA LEU A 149 3.59 -11.20 -4.10
C LEU A 149 2.36 -10.46 -4.60
N HIS A 150 1.28 -10.45 -3.81
CA HIS A 150 0.08 -9.74 -4.21
C HIS A 150 0.36 -8.25 -4.37
N LEU A 151 1.12 -7.67 -3.44
CA LEU A 151 1.42 -6.24 -3.54
C LEU A 151 2.23 -5.94 -4.80
N ALA A 152 3.20 -6.79 -5.14
CA ALA A 152 3.99 -6.56 -6.34
C ALA A 152 3.11 -6.52 -7.58
N VAL A 153 2.16 -7.46 -7.67
CA VAL A 153 1.22 -7.44 -8.78
C VAL A 153 0.36 -6.19 -8.74
N ALA A 154 -0.11 -5.82 -7.54
CA ALA A 154 -0.96 -4.64 -7.42
C ALA A 154 -0.24 -3.39 -7.91
N ASP A 155 0.99 -3.16 -7.42
CA ASP A 155 1.76 -2.02 -7.90
C ASP A 155 2.10 -2.16 -9.38
N THR A 156 2.29 -3.39 -9.86
CA THR A 156 2.64 -3.59 -11.26
C THR A 156 1.56 -3.04 -12.18
N LEU A 157 0.30 -3.31 -11.87
CA LEU A 157 -0.79 -2.81 -12.69
C LEU A 157 -0.84 -1.28 -12.67
N LEU A 158 -0.67 -0.69 -11.48
CA LEU A 158 -0.79 0.76 -11.37
C LEU A 158 0.26 1.48 -12.21
N VAL A 159 1.52 1.00 -12.15
CA VAL A 159 2.57 1.65 -12.93
C VAL A 159 2.29 1.56 -14.42
N LEU A 160 1.55 0.53 -14.85
CA LEU A 160 1.21 0.41 -16.27
C LEU A 160 0.29 1.55 -16.70
N THR A 161 -0.40 2.17 -15.74
CA THR A 161 -1.33 3.24 -16.08
C THR A 161 -0.60 4.55 -16.40
N LEU A 162 0.62 4.70 -15.89
CA LEU A 162 1.36 5.96 -15.93
C LEU A 162 1.23 6.68 -17.26
N PRO A 163 1.55 6.04 -18.40
CA PRO A 163 1.53 6.78 -19.68
C PRO A 163 0.17 7.41 -19.97
N LEU A 164 -0.92 6.70 -19.66
CA LEU A 164 -2.24 7.22 -19.98
C LEU A 164 -2.61 8.39 -19.07
N TRP A 165 -2.40 8.24 -17.76
CA TRP A 165 -2.81 9.28 -16.82
C TRP A 165 -1.93 10.52 -16.94
N ALA A 166 -0.63 10.31 -17.10
CA ALA A 166 0.31 11.42 -17.21
C ALA A 166 0.00 12.27 -18.44
N VAL A 182 -12.04 2.54 -18.17
CA VAL A 182 -11.41 1.32 -17.67
C VAL A 182 -10.11 1.66 -16.96
N ALA A 183 -9.40 2.65 -17.50
CA ALA A 183 -8.12 3.05 -16.89
C ALA A 183 -8.33 3.52 -15.45
N GLY A 184 -9.36 4.34 -15.22
CA GLY A 184 -9.63 4.79 -13.87
C GLY A 184 -10.05 3.64 -12.96
N ALA A 185 -10.86 2.72 -13.48
CA ALA A 185 -11.39 1.64 -12.65
C ALA A 185 -10.26 0.80 -12.07
N LEU A 186 -9.36 0.32 -12.93
CA LEU A 186 -8.24 -0.48 -12.43
C LEU A 186 -7.34 0.34 -11.54
N PHE A 187 -7.29 1.66 -11.75
CA PHE A 187 -6.50 2.52 -10.89
C PHE A 187 -6.95 2.42 -9.44
N ASN A 188 -8.26 2.53 -9.21
CA ASN A 188 -8.77 2.46 -7.84
C ASN A 188 -8.48 1.11 -7.21
N ILE A 189 -8.67 0.03 -7.97
CA ILE A 189 -8.46 -1.31 -7.42
C ILE A 189 -7.03 -1.44 -6.90
N ASN A 190 -6.06 -0.99 -7.70
CA ASN A 190 -4.65 -1.11 -7.31
C ASN A 190 -4.36 -0.27 -6.07
N PHE A 191 -4.89 0.95 -6.02
CA PHE A 191 -4.56 1.84 -4.92
C PHE A 191 -5.00 1.24 -3.59
N TYR A 192 -6.25 0.77 -3.51
CA TYR A 192 -6.72 0.16 -2.27
C TYR A 192 -5.97 -1.13 -1.98
N ALA A 193 -5.65 -1.91 -3.02
CA ALA A 193 -4.83 -3.09 -2.84
C ALA A 193 -3.53 -2.73 -2.14
N GLY A 194 -2.95 -1.59 -2.49
CA GLY A 194 -1.75 -1.12 -1.85
C GLY A 194 -1.87 -1.05 -0.34
N ALA A 195 -2.73 -0.16 0.15
CA ALA A 195 -2.85 0.05 1.59
C ALA A 195 -3.29 -1.23 2.30
N LEU A 196 -4.35 -1.86 1.80
CA LEU A 196 -4.89 -3.03 2.49
C LEU A 196 -3.86 -4.16 2.56
N LEU A 197 -3.16 -4.42 1.45
CA LEU A 197 -2.10 -5.43 1.49
C LEU A 197 -1.00 -5.02 2.45
N LEU A 198 -0.60 -3.74 2.43
CA LEU A 198 0.35 -3.26 3.42
C LEU A 198 -0.22 -3.40 4.83
N ALA A 199 -1.52 -3.11 4.99
CA ALA A 199 -2.15 -3.33 6.29
C ALA A 199 -2.13 -4.81 6.66
N CYS A 200 -2.40 -5.70 5.70
CA CYS A 200 -2.38 -7.12 5.99
C CYS A 200 -0.98 -7.57 6.40
N ILE A 201 0.05 -7.05 5.74
CA ILE A 201 1.42 -7.43 6.09
C ILE A 201 1.69 -7.09 7.54
N SER A 202 1.28 -5.89 7.97
CA SER A 202 1.58 -5.45 9.33
C SER A 202 0.94 -6.36 10.36
N PHE A 203 -0.30 -6.77 10.14
CA PHE A 203 -0.99 -7.59 11.14
C PHE A 203 -0.26 -8.91 11.34
N ASP A 204 0.18 -9.55 10.26
CA ASP A 204 0.89 -10.82 10.39
C ASP A 204 2.20 -10.62 11.15
N ARG A 205 2.90 -9.52 10.87
CA ARG A 205 4.13 -9.22 11.62
C ARG A 205 3.83 -9.08 13.10
N TYR A 206 2.74 -8.40 13.43
CA TYR A 206 2.32 -8.26 14.82
C TYR A 206 2.08 -9.63 15.43
N LEU A 207 1.31 -10.48 14.73
CA LEU A 207 1.01 -11.81 15.25
C LEU A 207 2.27 -12.64 15.41
N ASN A 208 3.18 -12.58 14.43
CA ASN A 208 4.38 -13.40 14.49
C ASN A 208 5.37 -12.91 15.54
N ILE A 209 5.38 -11.61 15.85
CA ILE A 209 6.41 -11.05 16.71
C ILE A 209 5.92 -10.70 18.11
N VAL A 210 4.62 -10.45 18.29
CA VAL A 210 4.12 -10.09 19.61
C VAL A 210 3.72 -11.35 20.35
N HIS A 211 2.76 -12.09 19.79
CA HIS A 211 2.31 -13.36 20.38
C HIS A 211 3.06 -14.54 19.76
N ALA A 212 4.39 -14.48 19.78
CA ALA A 212 5.18 -15.53 19.16
C ALA A 212 5.07 -16.85 19.91
N THR A 213 4.63 -16.83 21.17
CA THR A 213 4.52 -18.06 21.95
C THR A 213 3.24 -18.82 21.65
N GLN A 214 2.15 -18.12 21.34
CA GLN A 214 0.86 -18.76 21.10
C GLN A 214 0.64 -19.15 19.64
N LEU A 215 1.55 -18.77 18.74
CA LEU A 215 1.38 -19.02 17.32
C LEU A 215 2.55 -19.82 16.74
N TYR A 216 3.25 -20.59 17.55
CA TYR A 216 4.36 -21.39 17.05
C TYR A 216 3.85 -22.47 16.12
N ARG A 217 4.55 -22.68 15.01
CA ARG A 217 4.17 -23.71 14.05
C ARG A 217 5.42 -24.39 13.48
N PRO A 221 3.55 -23.83 7.04
CA PRO A 221 3.06 -22.63 6.36
C PRO A 221 1.54 -22.54 6.35
N ALA A 222 1.00 -21.44 6.89
CA ALA A 222 -0.44 -21.24 6.96
C ALA A 222 -0.93 -20.55 5.69
N ARG A 223 -1.86 -21.18 4.99
CA ARG A 223 -2.40 -20.59 3.78
C ARG A 223 -3.27 -19.38 4.14
N VAL A 224 -3.06 -18.28 3.42
CA VAL A 224 -3.76 -17.03 3.70
C VAL A 224 -4.43 -16.53 2.43
N THR A 225 -4.63 -17.43 1.46
CA THR A 225 -5.24 -17.01 0.20
C THR A 225 -6.65 -16.48 0.43
N LEU A 226 -7.31 -16.89 1.52
CA LEU A 226 -8.66 -16.44 1.79
C LEU A 226 -8.72 -14.91 1.94
N THR A 227 -7.81 -14.35 2.73
CA THR A 227 -7.85 -12.90 2.95
C THR A 227 -7.46 -12.13 1.69
N CYS A 228 -6.51 -12.67 0.92
CA CYS A 228 -6.11 -11.98 -0.31
C CYS A 228 -7.29 -11.80 -1.25
N LEU A 229 -8.13 -12.81 -1.39
CA LEU A 229 -9.34 -12.68 -2.20
C LEU A 229 -10.26 -11.61 -1.63
N ALA A 230 -10.39 -11.58 -0.30
CA ALA A 230 -11.23 -10.56 0.33
C ALA A 230 -10.74 -9.16 0.04
N VAL A 231 -9.44 -8.91 0.23
CA VAL A 231 -8.89 -7.59 -0.01
C VAL A 231 -9.09 -7.20 -1.47
N TRP A 232 -8.71 -8.09 -2.39
CA TRP A 232 -9.02 -7.87 -3.79
C TRP A 232 -10.52 -7.85 -4.02
N GLY A 233 -11.27 -8.66 -3.27
CA GLY A 233 -12.71 -8.69 -3.38
C GLY A 233 -13.37 -7.40 -2.93
N LEU A 234 -12.87 -6.82 -1.84
CA LEU A 234 -13.39 -5.55 -1.36
C LEU A 234 -13.11 -4.42 -2.35
N CYS A 235 -12.00 -4.48 -3.09
CA CYS A 235 -11.77 -3.50 -4.15
C CYS A 235 -12.79 -3.65 -5.25
N LEU A 236 -13.16 -4.89 -5.60
CA LEU A 236 -14.17 -5.11 -6.64
C LEU A 236 -15.48 -4.44 -6.25
N LEU A 237 -15.90 -4.60 -5.00
CA LEU A 237 -17.13 -4.00 -4.52
C LEU A 237 -17.13 -2.51 -4.76
N PHE A 238 -16.01 -1.85 -4.45
CA PHE A 238 -15.91 -0.41 -4.64
C PHE A 238 -15.60 -0.06 -6.08
N ALA A 239 -15.02 -0.98 -6.85
CA ALA A 239 -14.59 -0.72 -8.22
C ALA A 239 -15.73 -0.80 -9.23
N LEU A 240 -16.87 -1.36 -8.86
CA LEU A 240 -18.00 -1.44 -9.79
C LEU A 240 -18.43 -0.09 -10.33
N PRO A 241 -18.63 0.95 -9.50
CA PRO A 241 -19.06 2.25 -10.06
C PRO A 241 -18.11 2.80 -11.10
N ASP A 242 -16.82 2.50 -11.01
CA ASP A 242 -15.88 3.00 -12.01
C ASP A 242 -16.23 2.50 -13.40
N PHE A 243 -16.53 1.21 -13.54
CA PHE A 243 -17.02 0.69 -14.81
C PHE A 243 -18.37 1.29 -15.16
N ILE A 244 -19.24 1.43 -14.18
CA ILE A 244 -20.57 1.99 -14.41
C ILE A 244 -20.45 3.49 -14.68
N PRO A 264 -23.46 10.39 -10.98
CA PRO A 264 -24.28 10.54 -9.77
C PRO A 264 -23.57 11.31 -8.66
N GLN A 265 -24.12 12.47 -8.30
CA GLN A 265 -23.52 13.31 -7.27
C GLN A 265 -23.42 12.56 -5.95
N VAL A 266 -24.54 12.02 -5.46
CA VAL A 266 -24.54 11.31 -4.19
C VAL A 266 -23.73 10.03 -4.29
N GLY A 267 -23.78 9.36 -5.45
CA GLY A 267 -23.00 8.16 -5.65
C GLY A 267 -21.52 8.41 -5.51
N ARG A 268 -21.01 9.45 -6.18
CA ARG A 268 -19.60 9.78 -6.07
C ARG A 268 -19.26 10.30 -4.68
N THR A 269 -20.20 10.99 -4.02
CA THR A 269 -19.97 11.40 -2.64
C THR A 269 -19.75 10.19 -1.74
N ALA A 270 -20.61 9.17 -1.88
CA ALA A 270 -20.44 7.95 -1.11
C ALA A 270 -19.14 7.25 -1.47
N LEU A 271 -18.80 7.24 -2.76
CA LEU A 271 -17.52 6.67 -3.19
C LEU A 271 -16.36 7.32 -2.44
N ARG A 272 -16.32 8.65 -2.43
CA ARG A 272 -15.24 9.36 -1.74
C ARG A 272 -15.27 9.08 -0.25
N VAL A 273 -16.46 9.06 0.34
CA VAL A 273 -16.56 8.82 1.79
C VAL A 273 -15.96 7.47 2.14
N LEU A 274 -16.38 6.42 1.42
CA LEU A 274 -15.86 5.08 1.68
C LEU A 274 -14.36 5.02 1.39
N GLN A 275 -13.92 5.66 0.31
CA GLN A 275 -12.50 5.69 -0.01
C GLN A 275 -11.69 6.23 1.16
N LEU A 276 -12.07 7.39 1.68
CA LEU A 276 -11.36 7.98 2.81
C LEU A 276 -11.48 7.14 4.08
N VAL A 277 -12.65 6.59 4.35
CA VAL A 277 -12.87 5.90 5.62
C VAL A 277 -12.07 4.61 5.68
N ALA A 278 -12.15 3.79 4.62
CA ALA A 278 -11.60 2.44 4.65
C ALA A 278 -10.40 2.23 3.74
N GLY A 279 -9.86 3.30 3.13
CA GLY A 279 -8.72 3.12 2.25
C GLY A 279 -7.41 3.59 2.85
N PHE A 280 -7.43 4.68 3.60
CA PHE A 280 -6.20 5.27 4.13
C PHE A 280 -6.25 5.40 5.65
N LEU A 281 -7.41 5.74 6.20
CA LEU A 281 -7.49 5.99 7.63
C LEU A 281 -7.39 4.69 8.44
N LEU A 282 -8.32 3.77 8.22
CA LEU A 282 -8.30 2.52 8.97
C LEU A 282 -7.02 1.74 8.75
N PRO A 283 -6.54 1.57 7.51
CA PRO A 283 -5.24 0.91 7.34
C PRO A 283 -4.11 1.61 8.07
N LEU A 284 -4.11 2.95 8.09
CA LEU A 284 -3.05 3.67 8.78
C LEU A 284 -3.11 3.40 10.28
N LEU A 285 -4.32 3.41 10.85
CA LEU A 285 -4.46 3.11 12.28
C LEU A 285 -4.00 1.69 12.57
N VAL A 286 -4.36 0.74 11.72
CA VAL A 286 -3.95 -0.65 11.92
C VAL A 286 -2.43 -0.76 11.90
N MET A 287 -1.80 -0.12 10.91
CA MET A 287 -0.34 -0.15 10.82
C MET A 287 0.28 0.47 12.06
N ALA A 288 -0.24 1.62 12.48
CA ALA A 288 0.31 2.32 13.64
C ALA A 288 0.26 1.43 14.86
N TYR A 289 -0.91 0.84 15.15
CA TYR A 289 -1.06 0.01 16.34
C TYR A 289 -0.12 -1.20 16.28
N CYS A 290 -0.17 -1.91 15.16
CA CYS A 290 0.62 -3.14 15.03
C CYS A 290 2.10 -2.85 15.18
N TYR A 291 2.59 -1.83 14.47
CA TYR A 291 4.03 -1.56 14.51
C TYR A 291 4.44 -0.94 15.84
N ALA A 292 3.56 -0.22 16.51
CA ALA A 292 3.87 0.27 17.85
C ALA A 292 4.06 -0.90 18.81
N HIS A 293 3.17 -1.89 18.75
CA HIS A 293 3.34 -3.06 19.62
C HIS A 293 4.58 -3.86 19.24
N ILE A 294 4.87 -3.95 17.95
CA ILE A 294 6.09 -4.65 17.52
C ILE A 294 7.31 -3.95 18.07
N LEU A 295 7.35 -2.62 17.99
CA LEU A 295 8.46 -1.86 18.54
C LEU A 295 8.59 -2.09 20.04
N ALA A 296 7.46 -2.06 20.75
CA ALA A 296 7.50 -2.27 22.20
C ALA A 296 8.07 -3.64 22.53
N VAL A 297 7.62 -4.68 21.82
CA VAL A 297 8.10 -6.02 22.10
C VAL A 297 9.58 -6.13 21.79
N LEU A 298 10.02 -5.56 20.66
CA LEU A 298 11.44 -5.63 20.32
C LEU A 298 12.30 -4.90 21.34
N LEU A 299 11.83 -3.77 21.86
CA LEU A 299 12.62 -3.02 22.83
C LEU A 299 12.86 -3.82 24.10
N VAL A 300 12.08 -4.87 24.34
CA VAL A 300 12.27 -5.73 25.50
C VAL A 300 12.94 -7.02 25.08
N SER A 301 13.38 -7.07 23.82
CA SER A 301 14.02 -8.26 23.27
C SER A 301 15.51 -8.24 23.60
N ARG A 302 16.27 -9.14 22.99
CA ARG A 302 17.70 -9.26 23.21
C ARG A 302 18.36 -9.74 21.93
N GLY A 303 19.27 -8.96 21.39
CA GLY A 303 19.96 -9.32 20.16
C GLY A 303 20.54 -8.10 19.49
N GLN A 304 21.07 -8.33 18.29
CA GLN A 304 21.67 -7.28 17.48
C GLN A 304 20.79 -6.89 16.29
N ARG A 305 19.71 -7.64 16.04
CA ARG A 305 18.77 -7.32 14.97
C ARG A 305 17.63 -6.41 15.43
N ARG A 306 17.45 -6.27 16.74
CA ARG A 306 16.32 -5.51 17.26
C ARG A 306 16.37 -4.05 16.81
N LEU A 307 17.55 -3.42 16.92
CA LEU A 307 17.66 -2.00 16.57
C LEU A 307 17.39 -1.79 15.08
N ARG A 308 17.96 -2.65 14.23
CA ARG A 308 17.73 -2.51 12.80
C ARG A 308 16.26 -2.74 12.46
N ALA A 309 15.62 -3.70 13.13
CA ALA A 309 14.20 -3.92 12.91
C ALA A 309 13.38 -2.70 13.29
N MET A 310 13.72 -2.07 14.42
CA MET A 310 13.01 -0.86 14.81
C MET A 310 13.19 0.24 13.77
N ARG A 311 14.43 0.41 13.30
CA ARG A 311 14.71 1.43 12.29
C ARG A 311 13.88 1.18 11.04
N LEU A 312 13.85 -0.07 10.58
CA LEU A 312 13.12 -0.38 9.36
C LEU A 312 11.62 -0.15 9.54
N VAL A 313 11.07 -0.53 10.70
CA VAL A 313 9.65 -0.34 10.94
C VAL A 313 9.31 1.15 10.92
N VAL A 314 10.11 1.96 11.62
CA VAL A 314 9.86 3.40 11.65
C VAL A 314 9.94 3.97 10.25
N VAL A 315 10.94 3.55 9.47
CA VAL A 315 11.10 4.06 8.12
C VAL A 315 9.87 3.73 7.28
N VAL A 316 9.39 2.49 7.39
CA VAL A 316 8.25 2.06 6.59
C VAL A 316 7.03 2.89 6.94
N VAL A 317 6.75 3.05 8.23
CA VAL A 317 5.55 3.78 8.64
C VAL A 317 5.65 5.23 8.19
N VAL A 318 6.81 5.86 8.39
CA VAL A 318 6.96 7.27 8.03
C VAL A 318 6.82 7.44 6.53
N ALA A 319 7.40 6.53 5.74
CA ALA A 319 7.29 6.63 4.30
C ALA A 319 5.84 6.51 3.85
N PHE A 320 5.12 5.52 4.40
CA PHE A 320 3.71 5.37 4.04
C PHE A 320 2.94 6.64 4.36
N ALA A 321 3.14 7.19 5.56
CA ALA A 321 2.40 8.39 5.95
C ALA A 321 2.72 9.56 5.02
N LEU A 322 4.01 9.85 4.84
CA LEU A 322 4.40 11.00 4.04
C LEU A 322 4.09 10.84 2.56
N CYS A 323 3.86 9.61 2.08
CA CYS A 323 3.52 9.42 0.69
C CYS A 323 2.02 9.31 0.44
N TRP A 324 1.21 9.02 1.47
CA TRP A 324 -0.22 8.87 1.26
C TRP A 324 -1.04 10.06 1.81
N THR A 325 -0.61 10.66 2.91
CA THR A 325 -1.40 11.74 3.51
C THR A 325 -1.69 12.90 2.56
N PRO A 326 -0.76 13.38 1.74
CA PRO A 326 -1.05 14.58 0.92
C PRO A 326 -2.21 14.41 -0.05
N TYR A 327 -2.48 13.21 -0.56
CA TYR A 327 -3.60 13.00 -1.45
C TYR A 327 -4.93 12.94 -0.71
N HIS A 328 -5.00 12.17 0.37
CA HIS A 328 -6.24 12.03 1.10
C HIS A 328 -6.60 13.32 1.84
N LEU A 329 -5.61 14.13 2.19
CA LEU A 329 -5.89 15.44 2.75
C LEU A 329 -6.65 16.31 1.74
N VAL A 330 -6.17 16.32 0.50
CA VAL A 330 -6.85 17.09 -0.55
C VAL A 330 -8.23 16.51 -0.82
N VAL A 331 -8.34 15.18 -0.80
CA VAL A 331 -9.64 14.54 -1.01
C VAL A 331 -10.62 14.96 0.08
N LEU A 332 -10.18 14.97 1.33
CA LEU A 332 -11.04 15.41 2.42
C LEU A 332 -11.42 16.87 2.27
N VAL A 333 -10.46 17.71 1.86
CA VAL A 333 -10.75 19.13 1.66
C VAL A 333 -11.85 19.29 0.62
N ASP A 334 -11.73 18.57 -0.50
CA ASP A 334 -12.76 18.64 -1.54
C ASP A 334 -14.09 18.08 -1.06
N ILE A 335 -14.05 17.03 -0.23
CA ILE A 335 -15.28 16.46 0.31
C ILE A 335 -16.02 17.51 1.13
N LEU A 336 -15.29 18.17 2.02
CA LEU A 336 -15.90 19.20 2.85
C LEU A 336 -16.38 20.38 2.01
N MET A 337 -15.63 20.72 0.97
CA MET A 337 -16.06 21.78 0.06
C MET A 337 -17.40 21.43 -0.58
N ASP A 338 -17.54 20.20 -1.07
CA ASP A 338 -18.80 19.79 -1.69
C ASP A 338 -19.93 19.75 -0.67
N LEU A 339 -19.64 19.30 0.55
CA LEU A 339 -20.67 19.21 1.58
C LEU A 339 -21.12 20.56 2.09
N GLY A 340 -20.46 21.65 1.72
CA GLY A 340 -20.86 22.98 2.13
C GLY A 340 -20.08 23.57 3.29
N ALA A 341 -18.97 22.96 3.69
CA ALA A 341 -18.15 23.49 4.77
C ALA A 341 -17.09 24.47 4.29
N LEU A 342 -16.94 24.66 2.97
CA LEU A 342 -15.97 25.58 2.42
C LEU A 342 -16.58 26.26 1.20
N ALA A 343 -15.84 27.20 0.61
CA ALA A 343 -16.29 27.99 -0.51
C ALA A 343 -15.45 27.69 -1.75
N ARG A 344 -16.11 27.63 -2.90
CA ARG A 344 -15.44 27.36 -4.16
C ARG A 344 -15.03 28.66 -4.84
N ASN A 345 -13.87 28.65 -5.48
CA ASN A 345 -13.41 29.77 -6.28
C ASN A 345 -12.56 29.24 -7.43
N CYS A 346 -12.45 30.05 -8.48
CA CYS A 346 -11.80 29.62 -9.72
C CYS A 346 -10.36 29.17 -9.49
N GLY A 347 -9.55 30.01 -8.85
CA GLY A 347 -8.16 29.68 -8.62
C GLY A 347 -7.95 28.45 -7.76
N ARG A 348 -8.71 28.35 -6.67
CA ARG A 348 -8.50 27.25 -5.73
C ARG A 348 -8.87 25.91 -6.35
N GLU A 349 -9.86 25.89 -7.24
CA GLU A 349 -10.23 24.64 -7.91
C GLU A 349 -9.08 24.12 -8.76
N SER A 350 -8.44 25.01 -9.52
CA SER A 350 -7.29 24.61 -10.33
C SER A 350 -6.12 24.20 -9.44
N ARG A 351 -5.91 24.92 -8.33
CA ARG A 351 -4.85 24.54 -7.42
C ARG A 351 -5.10 23.16 -6.84
N VAL A 352 -6.36 22.84 -6.53
CA VAL A 352 -6.72 21.52 -6.03
C VAL A 352 -6.55 20.43 -7.08
N ASP A 353 -6.87 20.72 -8.34
CA ASP A 353 -6.59 19.74 -9.39
C ASP A 353 -5.09 19.48 -9.52
N VAL A 354 -4.27 20.54 -9.47
CA VAL A 354 -2.82 20.35 -9.49
C VAL A 354 -2.36 19.58 -8.26
N ALA A 355 -2.98 19.79 -7.10
CA ALA A 355 -2.65 19.02 -5.91
C ALA A 355 -3.00 17.55 -6.11
N LYS A 356 -4.15 17.27 -6.72
CA LYS A 356 -4.49 15.90 -7.10
C LYS A 356 -3.37 15.29 -7.94
N SER A 357 -2.91 16.04 -8.95
CA SER A 357 -1.86 15.52 -9.83
C SER A 357 -0.58 15.23 -9.04
N VAL A 358 -0.16 16.19 -8.21
CA VAL A 358 1.10 16.06 -7.49
C VAL A 358 1.03 14.89 -6.52
N THR A 359 -0.08 14.75 -5.79
CA THR A 359 -0.21 13.67 -4.83
C THR A 359 -0.35 12.33 -5.53
N SER A 360 -0.95 12.30 -6.72
CA SER A 360 -0.99 11.07 -7.50
C SER A 360 0.42 10.65 -7.91
N GLY A 361 1.24 11.62 -8.32
CA GLY A 361 2.65 11.31 -8.57
C GLY A 361 3.36 10.81 -7.33
N LEU A 362 3.04 11.38 -6.17
CA LEU A 362 3.63 10.91 -4.92
C LEU A 362 3.22 9.47 -4.64
N GLY A 363 1.95 9.14 -4.86
CA GLY A 363 1.51 7.76 -4.71
C GLY A 363 2.21 6.83 -5.67
N TYR A 364 2.44 7.30 -6.90
CA TYR A 364 3.22 6.53 -7.86
C TYR A 364 4.63 6.28 -7.33
N MET A 365 5.23 7.29 -6.72
CA MET A 365 6.55 7.12 -6.12
C MET A 365 6.53 6.07 -5.02
N HIS A 366 5.49 6.09 -4.18
CA HIS A 366 5.38 5.07 -3.14
C HIS A 366 5.25 3.68 -3.76
N CYS A 367 4.43 3.56 -4.80
CA CYS A 367 4.24 2.26 -5.44
C CYS A 367 5.55 1.76 -6.05
N CYS A 368 6.34 2.68 -6.59
CA CYS A 368 7.65 2.29 -7.14
C CYS A 368 8.65 1.95 -6.05
N LEU A 369 8.56 2.57 -4.88
CA LEU A 369 9.47 2.30 -3.78
C LEU A 369 9.08 1.08 -2.96
N ASN A 370 7.86 0.58 -3.11
CA ASN A 370 7.44 -0.58 -2.32
C ASN A 370 8.43 -1.74 -2.40
N PRO A 371 8.93 -2.13 -3.56
CA PRO A 371 9.92 -3.22 -3.60
C PRO A 371 11.15 -2.95 -2.76
N LEU A 372 11.59 -1.68 -2.72
CA LEU A 372 12.83 -1.34 -2.02
C LEU A 372 12.71 -1.39 -0.51
N LEU A 373 11.51 -1.18 0.04
CA LEU A 373 11.33 -1.11 1.49
C LEU A 373 10.78 -2.38 2.11
N TYR A 374 10.10 -3.23 1.35
CA TYR A 374 9.51 -4.45 1.89
C TYR A 374 10.20 -5.72 1.43
N ALA A 375 10.91 -5.69 0.30
CA ALA A 375 11.52 -6.89 -0.27
C ALA A 375 13.04 -6.80 -0.24
N PHE A 376 13.63 -5.74 -0.80
CA PHE A 376 15.08 -5.68 -0.95
C PHE A 376 15.81 -5.52 0.37
N VAL A 377 15.13 -5.17 1.46
CA VAL A 377 15.79 -4.99 2.74
C VAL A 377 15.86 -6.28 3.56
N GLY A 378 15.04 -7.27 3.24
CA GLY A 378 15.04 -8.52 3.98
C GLY A 378 16.23 -9.38 3.60
N VAL A 379 16.70 -10.17 4.57
CA VAL A 379 17.81 -11.08 4.30
C VAL A 379 17.37 -12.21 3.39
N LYS A 380 16.17 -12.75 3.63
CA LYS A 380 15.70 -13.90 2.86
C LYS A 380 15.56 -13.55 1.37
N PHE A 381 14.96 -12.39 1.06
CA PHE A 381 14.72 -12.05 -0.33
C PHE A 381 16.03 -11.93 -1.10
N ARG A 382 17.04 -11.29 -0.51
CA ARG A 382 18.31 -11.13 -1.21
C ARG A 382 18.95 -12.49 -1.51
N GLU A 383 18.81 -13.44 -0.59
CA GLU A 383 19.37 -14.78 -0.83
C GLU A 383 18.74 -15.40 -2.08
N ARG A 384 17.42 -15.30 -2.21
CA ARG A 384 16.77 -15.80 -3.41
C ARG A 384 17.23 -15.05 -4.65
N MET A 385 17.38 -13.73 -4.55
CA MET A 385 17.86 -12.95 -5.67
C MET A 385 19.25 -13.39 -6.09
N TRP A 386 20.14 -13.60 -5.11
CA TRP A 386 21.47 -14.12 -5.41
C TRP A 386 21.38 -15.52 -6.00
N MET A 387 20.37 -16.30 -5.62
CA MET A 387 20.22 -17.65 -6.16
C MET A 387 19.72 -17.60 -7.60
N LEU A 388 18.55 -17.00 -7.81
CA LEU A 388 17.97 -16.90 -9.14
C LEU A 388 18.80 -15.97 -10.02
#